data_3LBZ
#
_entry.id   3LBZ
#
_cell.length_a   101.712
_cell.length_b   38.611
_cell.length_c   78.817
_cell.angle_alpha   90.00
_cell.angle_beta   114.70
_cell.angle_gamma   90.00
#
_symmetry.space_group_name_H-M   'C 1 2 1'
#
loop_
_entity.id
_entity.type
_entity.pdbx_description
1 polymer 'B-cell lymphoma 6 protein'
2 non-polymer N-[(4-bromophenyl)sulfonyl]acetamide
3 non-polymer '(2R)-2-[(5Z)-5-(5-bromo-2-oxo-1,2-dihydro-3H-indol-3-ylidene)-4-oxo-2-thioxo-1,3-thiazolidin-3-yl]butanedioic acid'
4 water water
#
_entity_poly.entity_id   1
_entity_poly.type   'polypeptide(L)'
_entity_poly.pdbx_seq_one_letter_code
;GSADSQIQFTRHASDVLLNLNRLRSRDILTDVVIVVSREQFRAHKTVLMACSGLFYSIFTDQLKRNLSVINLDPEINPEG
FNILLDFMYTSRLNLREGNIMAVMATAMYLQMEHVVDTCRKFIKASE
;
_entity_poly.pdbx_strand_id   A,B
#
loop_
_chem_comp.id
_chem_comp.type
_chem_comp.name
_chem_comp.formula
Z88 non-polymer N-[(4-bromophenyl)sulfonyl]acetamide 'C8 H8 Br N O3 S'
Z89 non-polymer '(2R)-2-[(5Z)-5-(5-bromo-2-oxo-1,2-dihydro-3H-indol-3-ylidene)-4-oxo-2-thioxo-1,3-thiazolidin-3-yl]butanedioic acid' 'C15 H9 Br N2 O6 S2'
#
# COMPACT_ATOMS: atom_id res chain seq x y z
N SER A 5 9.45 -6.89 -22.98
CA SER A 5 8.98 -6.14 -21.74
C SER A 5 7.96 -7.00 -20.91
N GLN A 6 7.71 -6.47 -19.69
CA GLN A 6 7.04 -7.15 -18.65
C GLN A 6 5.58 -7.00 -18.92
N ILE A 7 4.79 -7.96 -18.46
CA ILE A 7 3.36 -7.97 -18.67
C ILE A 7 2.92 -6.98 -17.64
N GLN A 8 1.89 -6.18 -17.89
CA GLN A 8 1.51 -5.06 -17.02
C GLN A 8 0.13 -5.41 -16.49
N PHE A 9 -0.06 -5.38 -15.18
CA PHE A 9 -1.35 -5.69 -14.66
C PHE A 9 -2.05 -4.41 -14.26
N THR A 10 -2.89 -3.90 -15.13
CA THR A 10 -3.45 -2.59 -14.94
C THR A 10 -4.42 -2.54 -13.71
N ARG A 11 -4.83 -3.72 -13.20
CA ARG A 11 -5.73 -3.80 -12.07
C ARG A 11 -5.03 -4.06 -10.76
N HIS A 12 -3.76 -4.38 -10.77
CA HIS A 12 -3.03 -4.74 -9.55
C HIS A 12 -3.02 -3.68 -8.43
N ALA A 13 -2.70 -2.41 -8.79
CA ALA A 13 -2.51 -1.34 -7.78
C ALA A 13 -3.80 -1.08 -7.02
N SER A 14 -4.90 -1.04 -7.77
CA SER A 14 -6.15 -0.94 -7.10
C SER A 14 -6.59 -2.25 -6.31
N ASP A 15 -6.13 -3.48 -6.66
CA ASP A 15 -6.50 -4.61 -5.75
C ASP A 15 -5.68 -4.54 -4.43
N VAL A 16 -4.45 -4.08 -4.51
CA VAL A 16 -3.56 -3.88 -3.33
C VAL A 16 -4.26 -2.87 -2.40
N LEU A 17 -4.58 -1.71 -2.98
CA LEU A 17 -5.30 -0.68 -2.25
C LEU A 17 -6.61 -1.15 -1.64
N LEU A 18 -7.43 -1.87 -2.35
CA LEU A 18 -8.63 -2.47 -1.74
C LEU A 18 -8.31 -3.46 -0.60
N ASN A 19 -7.32 -4.31 -0.73
CA ASN A 19 -6.88 -5.06 0.47
C ASN A 19 -6.21 -4.30 1.59
N LEU A 20 -5.50 -3.21 1.28
CA LEU A 20 -5.00 -2.32 2.35
C LEU A 20 -6.10 -1.73 3.19
N ASN A 21 -7.13 -1.33 2.50
CA ASN A 21 -8.34 -0.84 3.14
C ASN A 21 -9.15 -1.87 3.89
N ARG A 22 -9.30 -3.11 3.39
CA ARG A 22 -9.82 -4.20 4.26
C ARG A 22 -8.96 -4.49 5.52
N LEU A 23 -7.64 -4.54 5.37
CA LEU A 23 -6.74 -4.53 6.53
C LEU A 23 -7.02 -3.43 7.57
N ARG A 24 -7.18 -2.20 7.10
CA ARG A 24 -7.53 -1.08 7.97
C ARG A 24 -8.85 -1.27 8.71
N SER A 25 -9.89 -1.69 8.01
CA SER A 25 -11.18 -1.74 8.65
C SER A 25 -11.24 -2.92 9.61
N ARG A 26 -10.33 -3.88 9.53
CA ARG A 26 -10.25 -5.03 10.50
C ARG A 26 -9.18 -4.72 11.50
N ASP A 27 -8.59 -3.56 11.36
CA ASP A 27 -7.50 -3.23 12.25
C ASP A 27 -6.23 -4.09 12.21
N ILE A 28 -5.91 -4.70 11.06
CA ILE A 28 -4.75 -5.53 11.05
C ILE A 28 -3.54 -4.72 10.71
N LEU A 29 -2.55 -4.82 11.55
CA LEU A 29 -1.23 -4.23 11.38
C LEU A 29 -1.19 -2.72 11.29
N THR A 30 -2.30 -2.08 11.66
CA THR A 30 -2.33 -0.65 11.79
C THR A 30 -1.29 -0.36 12.83
N ASP A 31 -0.40 0.57 12.59
CA ASP A 31 0.70 0.81 13.53
C ASP A 31 0.83 2.27 14.02
N VAL A 32 -0.16 3.10 13.74
CA VAL A 32 -0.13 4.50 14.17
C VAL A 32 -1.58 4.89 14.51
N VAL A 33 -1.71 5.78 15.52
CA VAL A 33 -3.02 6.47 15.85
C VAL A 33 -2.87 7.98 15.52
N ILE A 34 -3.69 8.50 14.59
CA ILE A 34 -3.59 9.93 14.27
C ILE A 34 -4.55 10.66 15.19
N VAL A 35 -4.00 11.62 15.96
CA VAL A 35 -4.84 12.46 16.84
C VAL A 35 -5.13 13.85 16.23
N VAL A 36 -6.44 14.08 16.12
CA VAL A 36 -7.00 15.25 15.47
C VAL A 36 -7.92 15.99 16.50
N SER A 37 -7.32 16.93 17.22
CA SER A 37 -7.89 17.50 18.46
C SER A 37 -8.17 16.37 19.47
N ARG A 38 -9.43 15.93 19.39
CA ARG A 38 -10.07 14.98 20.32
C ARG A 38 -10.23 13.60 19.66
N GLU A 39 -10.32 13.59 18.32
CA GLU A 39 -10.55 12.35 17.56
C GLU A 39 -9.30 11.56 17.14
N GLN A 40 -9.49 10.24 17.15
CA GLN A 40 -8.47 9.25 16.90
C GLN A 40 -8.76 8.43 15.63
N PHE A 41 -7.69 8.22 14.82
CA PHE A 41 -7.78 7.45 13.59
C PHE A 41 -6.59 6.51 13.51
N ARG A 42 -6.88 5.27 13.26
CA ARG A 42 -5.91 4.21 13.05
C ARG A 42 -5.57 4.00 11.55
N ALA A 43 -4.31 3.75 11.25
CA ALA A 43 -3.84 3.68 9.90
C ALA A 43 -2.53 2.97 9.86
N HIS A 44 -1.95 2.84 8.67
CA HIS A 44 -0.64 2.18 8.52
C HIS A 44 0.26 3.27 8.09
N LYS A 45 1.39 3.45 8.75
CA LYS A 45 2.29 4.51 8.42
C LYS A 45 2.69 4.64 6.97
N THR A 46 3.00 3.51 6.34
CA THR A 46 3.46 3.53 4.92
C THR A 46 2.34 4.06 3.94
N VAL A 47 1.07 3.80 4.24
CA VAL A 47 0.03 4.23 3.40
C VAL A 47 -0.02 5.72 3.58
N LEU A 48 0.02 6.24 4.83
CA LEU A 48 0.02 7.73 5.06
C LEU A 48 1.13 8.44 4.31
N MET A 49 2.36 7.87 4.35
CA MET A 49 3.59 8.35 3.74
C MET A 49 3.52 8.31 2.23
N ALA A 50 2.89 7.23 1.72
CA ALA A 50 2.65 7.10 0.25
C ALA A 50 1.66 8.13 -0.31
N CYS A 51 0.67 8.53 0.52
CA CYS A 51 -0.32 9.50 0.17
C CYS A 51 -0.10 10.99 0.60
N SER A 52 0.72 11.33 1.60
CA SER A 52 0.83 12.68 2.07
C SER A 52 2.27 13.19 2.28
N GLY A 53 2.62 14.38 1.79
CA GLY A 53 4.00 14.95 1.99
C GLY A 53 4.31 15.23 3.47
N LEU A 54 3.26 15.54 4.21
CA LEU A 54 3.40 15.81 5.60
C LEU A 54 3.76 14.53 6.37
N PHE A 55 2.94 13.49 6.23
CA PHE A 55 3.32 12.22 6.80
C PHE A 55 4.64 11.64 6.24
N TYR A 56 4.96 11.91 4.99
CA TYR A 56 6.24 11.48 4.51
C TYR A 56 7.28 12.12 5.43
N SER A 57 7.18 13.43 5.72
CA SER A 57 8.21 14.18 6.50
C SER A 57 8.17 13.80 7.95
N ILE A 58 6.99 13.56 8.49
CA ILE A 58 6.95 13.10 9.83
C ILE A 58 7.60 11.75 10.04
N PHE A 59 7.35 10.73 9.23
CA PHE A 59 7.81 9.40 9.57
C PHE A 59 9.16 9.15 9.05
N THR A 60 9.70 10.13 8.43
CA THR A 60 11.01 10.01 7.93
C THR A 60 11.95 10.84 8.87
N ASP A 61 11.34 11.47 9.88
CA ASP A 61 12.09 12.13 10.93
C ASP A 61 12.54 11.11 11.96
N GLN A 62 13.86 11.01 12.16
CA GLN A 62 14.45 9.98 13.07
C GLN A 62 13.96 10.06 14.49
N LEU A 63 13.62 11.27 14.85
CA LEU A 63 13.00 11.58 16.09
C LEU A 63 11.56 11.13 16.16
N LYS A 64 10.77 11.26 15.09
CA LYS A 64 9.35 10.96 15.22
C LYS A 64 8.95 9.61 14.64
N ARG A 65 9.94 8.95 14.06
CA ARG A 65 9.81 7.70 13.34
C ARG A 65 8.97 6.62 13.97
N ASN A 66 9.25 6.39 15.26
CA ASN A 66 8.79 5.26 16.04
C ASN A 66 7.60 5.56 16.99
N LEU A 67 7.06 6.77 16.83
CA LEU A 67 5.90 7.20 17.63
C LEU A 67 4.70 6.41 17.22
N SER A 68 3.94 5.85 18.15
CA SER A 68 2.62 5.24 17.84
C SER A 68 1.42 6.20 17.79
N VAL A 69 1.60 7.43 18.21
CA VAL A 69 0.57 8.42 18.29
C VAL A 69 1.12 9.68 17.64
N ILE A 70 0.35 10.28 16.74
CA ILE A 70 0.75 11.51 16.05
C ILE A 70 -0.37 12.48 16.28
N ASN A 71 0.08 13.60 16.80
CA ASN A 71 -0.81 14.68 17.06
C ASN A 71 -0.66 15.69 15.97
N LEU A 72 -1.79 15.98 15.34
CA LEU A 72 -1.78 17.00 14.25
C LEU A 72 -2.36 18.33 14.76
N ASP A 73 -1.99 19.40 14.09
CA ASP A 73 -2.56 20.70 14.33
C ASP A 73 -4.03 20.60 14.74
N PRO A 74 -4.33 21.10 15.95
CA PRO A 74 -5.65 20.88 16.53
C PRO A 74 -6.71 21.69 15.82
N GLU A 75 -6.26 22.58 14.97
CA GLU A 75 -7.14 23.33 14.16
C GLU A 75 -7.66 22.54 12.98
N ILE A 76 -7.14 21.32 12.74
CA ILE A 76 -7.69 20.55 11.60
C ILE A 76 -9.04 20.04 12.02
N ASN A 77 -10.05 20.23 11.19
CA ASN A 77 -11.26 19.61 11.63
C ASN A 77 -11.19 18.12 11.27
N PRO A 78 -11.76 17.26 12.14
CA PRO A 78 -11.75 15.82 12.01
C PRO A 78 -12.53 15.24 10.84
N GLU A 79 -13.58 15.95 10.41
CA GLU A 79 -14.42 15.48 9.32
C GLU A 79 -13.64 15.61 8.02
N GLY A 80 -12.98 16.76 7.85
CA GLY A 80 -12.09 16.95 6.69
C GLY A 80 -10.91 15.94 6.67
N PHE A 81 -10.34 15.61 7.84
CA PHE A 81 -9.32 14.58 7.93
C PHE A 81 -9.91 13.19 7.63
N ASN A 82 -11.08 12.88 8.18
CA ASN A 82 -11.72 11.63 7.89
C ASN A 82 -12.06 11.31 6.40
N ILE A 83 -12.46 12.34 5.68
CA ILE A 83 -12.73 12.24 4.26
C ILE A 83 -11.42 11.96 3.54
N LEU A 84 -10.35 12.68 3.97
CA LEU A 84 -9.04 12.46 3.31
C LEU A 84 -8.37 11.08 3.61
N LEU A 85 -8.47 10.56 4.83
CA LEU A 85 -8.09 9.18 5.17
C LEU A 85 -8.88 8.14 4.38
N ASP A 86 -10.21 8.18 4.34
CA ASP A 86 -10.93 7.33 3.39
C ASP A 86 -10.42 7.47 1.92
N PHE A 87 -10.16 8.67 1.45
CA PHE A 87 -9.67 8.80 0.12
C PHE A 87 -8.38 8.05 -0.06
N MET A 88 -7.46 8.15 0.90
CA MET A 88 -6.13 7.50 0.72
C MET A 88 -6.23 6.05 0.47
N TYR A 89 -7.23 5.45 1.06
CA TYR A 89 -7.37 4.03 1.05
C TYR A 89 -8.40 3.58 -0.02
N THR A 90 -9.19 4.48 -0.61
CA THR A 90 -10.20 4.00 -1.54
C THR A 90 -10.13 4.64 -2.88
N SER A 91 -9.37 5.74 -2.98
CA SER A 91 -9.34 6.63 -4.18
C SER A 91 -10.61 7.47 -4.47
N ARG A 92 -11.52 7.54 -3.50
CA ARG A 92 -12.79 8.20 -3.69
C ARG A 92 -12.79 9.36 -2.71
N LEU A 93 -13.08 10.53 -3.24
CA LEU A 93 -13.05 11.71 -2.46
C LEU A 93 -14.51 12.24 -2.30
N ASN A 94 -15.08 12.17 -1.11
CA ASN A 94 -16.37 12.75 -0.86
C ASN A 94 -16.33 14.30 -0.85
N LEU A 95 -16.31 15.00 -1.97
CA LEU A 95 -16.32 16.46 -2.04
C LEU A 95 -17.69 17.10 -2.30
N ARG A 96 -18.00 18.13 -1.53
CA ARG A 96 -19.29 18.80 -1.62
C ARG A 96 -19.14 20.25 -1.30
N GLU A 97 -20.15 21.04 -1.68
CA GLU A 97 -20.15 22.46 -1.40
C GLU A 97 -20.29 22.69 0.09
N GLY A 98 -20.44 21.60 0.84
CA GLY A 98 -20.59 21.67 2.28
C GLY A 98 -19.27 21.42 3.00
N ASN A 99 -18.35 20.74 2.34
CA ASN A 99 -17.03 20.44 2.95
C ASN A 99 -15.81 20.82 2.12
N ILE A 100 -16.04 21.33 0.94
CA ILE A 100 -14.97 21.62 0.06
C ILE A 100 -13.91 22.45 0.76
N MET A 101 -14.33 23.44 1.57
CA MET A 101 -13.35 24.38 2.15
C MET A 101 -12.54 23.67 3.20
N ALA A 102 -13.22 22.91 4.09
CA ALA A 102 -12.53 22.11 5.10
C ALA A 102 -11.61 21.10 4.41
N VAL A 103 -12.13 20.35 3.40
CA VAL A 103 -11.31 19.29 2.78
C VAL A 103 -10.09 19.91 2.09
N MET A 104 -10.29 21.00 1.36
CA MET A 104 -9.19 21.62 0.69
C MET A 104 -8.08 22.06 1.65
N ALA A 105 -8.49 22.63 2.76
CA ALA A 105 -7.45 23.15 3.71
C ALA A 105 -6.71 22.03 4.41
N THR A 106 -7.44 21.00 4.80
CA THR A 106 -6.79 19.81 5.32
C THR A 106 -5.90 19.18 4.25
N ALA A 107 -6.32 19.17 2.97
CA ALA A 107 -5.43 18.61 1.92
C ALA A 107 -4.13 19.39 1.76
N MET A 108 -4.20 20.72 1.76
CA MET A 108 -3.02 21.58 1.81
C MET A 108 -2.10 21.33 3.01
N TYR A 109 -2.65 21.37 4.22
CA TYR A 109 -1.87 20.98 5.39
C TYR A 109 -1.14 19.60 5.21
N LEU A 110 -1.85 18.57 4.74
CA LEU A 110 -1.28 17.23 4.60
C LEU A 110 -0.42 17.13 3.37
N GLN A 111 -0.41 18.16 2.53
CA GLN A 111 0.41 18.16 1.30
C GLN A 111 0.09 16.98 0.33
N MET A 112 -1.18 16.88 0.05
CA MET A 112 -1.76 16.02 -0.95
C MET A 112 -2.16 16.90 -2.18
N GLU A 113 -1.20 17.10 -3.05
CA GLU A 113 -1.27 18.01 -4.17
C GLU A 113 -2.36 17.66 -5.22
N HIS A 114 -2.59 16.38 -5.53
CA HIS A 114 -3.56 15.96 -6.51
C HIS A 114 -4.97 16.35 -6.01
N VAL A 115 -5.31 15.99 -4.76
CA VAL A 115 -6.53 16.42 -4.09
C VAL A 115 -6.73 17.93 -4.12
N VAL A 116 -5.73 18.73 -3.72
CA VAL A 116 -5.73 20.17 -3.83
C VAL A 116 -6.11 20.73 -5.28
N ASP A 117 -5.55 20.13 -6.31
CA ASP A 117 -5.85 20.53 -7.65
C ASP A 117 -7.31 20.30 -7.99
N THR A 118 -7.81 19.12 -7.64
CA THR A 118 -9.18 18.71 -7.91
C THR A 118 -10.20 19.59 -7.22
N CYS A 119 -9.92 19.89 -5.98
CA CYS A 119 -10.64 20.86 -5.19
C CYS A 119 -10.65 22.13 -5.96
N ARG A 120 -9.53 22.56 -6.54
CA ARG A 120 -9.49 23.82 -7.37
C ARG A 120 -10.39 23.77 -8.58
N LYS A 121 -10.52 22.59 -9.16
CA LYS A 121 -11.36 22.43 -10.37
C LYS A 121 -12.85 22.35 -9.96
N PHE A 122 -13.10 21.79 -8.76
CA PHE A 122 -14.41 21.68 -8.20
C PHE A 122 -14.87 23.11 -7.90
N ILE A 123 -14.01 23.97 -7.35
CA ILE A 123 -14.36 25.36 -7.12
C ILE A 123 -14.61 26.07 -8.41
N LYS A 124 -13.72 25.93 -9.37
CA LYS A 124 -13.89 26.55 -10.67
C LYS A 124 -15.24 26.11 -11.38
N ALA A 125 -15.71 24.90 -11.08
CA ALA A 125 -16.83 24.30 -11.78
C ALA A 125 -18.16 24.80 -11.22
N SER A 126 -18.19 25.11 -9.93
CA SER A 126 -19.41 25.65 -9.28
C SER A 126 -19.35 27.14 -8.86
N SER B 5 -22.40 11.41 -5.68
CA SER B 5 -21.30 10.39 -5.55
C SER B 5 -19.89 11.07 -5.53
N GLN B 6 -18.94 10.37 -4.91
CA GLN B 6 -17.56 10.74 -4.78
C GLN B 6 -16.83 10.84 -6.09
N ILE B 7 -15.97 11.82 -6.20
CA ILE B 7 -15.05 11.91 -7.31
C ILE B 7 -14.15 10.74 -7.15
N GLN B 8 -13.71 10.18 -8.27
CA GLN B 8 -12.97 8.91 -8.29
C GLN B 8 -11.65 9.23 -8.95
N PHE B 9 -10.53 8.97 -8.27
CA PHE B 9 -9.25 9.29 -8.88
C PHE B 9 -8.68 7.99 -9.37
N THR B 10 -8.86 7.76 -10.65
CA THR B 10 -8.40 6.57 -11.28
C THR B 10 -6.84 6.34 -11.24
N ARG B 11 -6.05 7.36 -10.92
CA ARG B 11 -4.58 7.23 -10.89
C ARG B 11 -4.05 7.11 -9.52
N HIS B 12 -4.90 7.29 -8.52
CA HIS B 12 -4.46 7.29 -7.09
C HIS B 12 -3.77 5.95 -6.63
N ALA B 13 -4.34 4.81 -7.03
CA ALA B 13 -3.90 3.47 -6.54
C ALA B 13 -2.48 3.24 -7.06
N SER B 14 -2.29 3.56 -8.32
CA SER B 14 -0.97 3.37 -8.81
C SER B 14 0.04 4.47 -8.40
N ASP B 15 -0.38 5.65 -7.93
CA ASP B 15 0.57 6.62 -7.33
C ASP B 15 1.05 6.09 -5.98
N VAL B 16 0.12 5.56 -5.19
CA VAL B 16 0.42 4.99 -3.82
C VAL B 16 1.44 3.86 -3.97
N LEU B 17 1.12 2.95 -4.89
CA LEU B 17 2.00 1.85 -5.26
C LEU B 17 3.43 2.24 -5.67
N LEU B 18 3.54 3.20 -6.54
CA LEU B 18 4.82 3.76 -6.90
C LEU B 18 5.56 4.36 -5.73
N ASN B 19 4.95 5.16 -4.89
CA ASN B 19 5.61 5.55 -3.67
C ASN B 19 5.89 4.44 -2.70
N LEU B 20 5.05 3.44 -2.57
CA LEU B 20 5.47 2.28 -1.72
C LEU B 20 6.76 1.62 -2.19
N ASN B 21 6.88 1.48 -3.49
CA ASN B 21 8.09 0.96 -4.08
C ASN B 21 9.29 1.83 -3.92
N ARG B 22 9.12 3.16 -4.03
CA ARG B 22 10.23 4.08 -3.65
C ARG B 22 10.59 3.93 -2.18
N LEU B 23 9.61 3.90 -1.29
CA LEU B 23 9.92 3.54 0.08
C LEU B 23 10.77 2.28 0.20
N ARG B 24 10.37 1.23 -0.47
CA ARG B 24 11.09 0.02 -0.37
C ARG B 24 12.52 0.12 -0.88
N SER B 25 12.74 0.77 -2.03
CA SER B 25 14.07 0.79 -2.59
C SER B 25 15.00 1.68 -1.77
N ARG B 26 14.45 2.59 -0.96
CA ARG B 26 15.25 3.39 0.03
C ARG B 26 15.22 2.78 1.45
N ASP B 27 14.58 1.62 1.57
CA ASP B 27 14.50 0.87 2.82
C ASP B 27 13.87 1.67 3.94
N ILE B 28 12.82 2.44 3.63
CA ILE B 28 12.14 3.20 4.66
C ILE B 28 10.88 2.44 5.12
N LEU B 29 10.87 2.21 6.41
CA LEU B 29 9.83 1.49 7.12
C LEU B 29 9.64 0.04 6.81
N THR B 30 10.49 -0.54 5.98
CA THR B 30 10.48 -1.99 5.75
C THR B 30 10.60 -2.67 7.14
N ASP B 31 9.81 -3.69 7.40
CA ASP B 31 9.68 -4.14 8.75
C ASP B 31 9.79 -5.66 8.85
N VAL B 32 10.21 -6.26 7.74
CA VAL B 32 10.34 -7.71 7.65
C VAL B 32 11.40 -8.04 6.65
N VAL B 33 12.13 -9.11 6.95
CA VAL B 33 13.10 -9.70 5.99
C VAL B 33 12.58 -11.09 5.57
N ILE B 34 12.34 -11.33 4.29
CA ILE B 34 11.84 -12.64 3.87
C ILE B 34 13.02 -13.56 3.53
N VAL B 35 13.06 -14.75 4.15
CA VAL B 35 14.18 -15.65 3.92
C VAL B 35 13.78 -16.78 3.01
N VAL B 36 14.52 -16.92 1.91
CA VAL B 36 14.29 -18.06 1.00
C VAL B 36 15.55 -18.92 0.90
N SER B 37 15.53 -19.96 1.74
CA SER B 37 16.76 -20.73 2.09
C SER B 37 17.98 -19.83 2.53
N ARG B 38 18.73 -19.26 1.57
CA ARG B 38 19.92 -18.42 1.82
C ARG B 38 19.69 -16.93 1.52
N GLU B 39 18.79 -16.64 0.59
CA GLU B 39 18.62 -15.25 0.15
C GLU B 39 17.57 -14.47 0.99
N GLN B 40 17.80 -13.16 1.06
CA GLN B 40 17.05 -12.28 1.91
C GLN B 40 16.41 -11.20 1.06
N PHE B 41 15.17 -10.84 1.46
CA PHE B 41 14.39 -9.79 0.82
C PHE B 41 13.65 -8.92 1.89
N ARG B 42 13.94 -7.64 1.86
CA ARG B 42 13.29 -6.66 2.69
C ARG B 42 11.97 -6.18 2.05
N ALA B 43 10.91 -6.13 2.88
CA ALA B 43 9.62 -5.66 2.41
C ALA B 43 8.77 -4.96 3.51
N HIS B 44 7.55 -4.57 3.20
CA HIS B 44 6.62 -4.07 4.19
C HIS B 44 5.58 -5.18 4.33
N LYS B 45 5.29 -5.63 5.55
CA LYS B 45 4.35 -6.70 5.78
C LYS B 45 2.95 -6.45 5.20
N THR B 46 2.47 -5.21 5.31
CA THR B 46 1.08 -4.90 4.78
C THR B 46 1.06 -5.06 3.25
N VAL B 47 2.14 -4.73 2.54
CA VAL B 47 2.12 -4.85 1.12
C VAL B 47 2.09 -6.35 0.80
N LEU B 48 2.97 -7.13 1.40
CA LEU B 48 2.96 -8.61 1.29
C LEU B 48 1.60 -9.22 1.50
N MET B 49 0.91 -8.80 2.54
CA MET B 49 -0.49 -9.24 2.88
C MET B 49 -1.56 -8.84 1.98
N ALA B 50 -1.41 -7.65 1.39
CA ALA B 50 -2.32 -7.10 0.37
C ALA B 50 -2.17 -7.78 -0.98
N CYS B 51 -0.96 -8.34 -1.26
CA CYS B 51 -0.66 -9.08 -2.49
C CYS B 51 -0.75 -10.64 -2.44
N SER B 52 -0.63 -11.28 -1.25
CA SER B 52 -0.54 -12.76 -1.22
C SER B 52 -1.36 -13.46 -0.14
N GLY B 53 -2.11 -14.49 -0.48
CA GLY B 53 -2.90 -15.18 0.59
C GLY B 53 -2.07 -15.85 1.68
N LEU B 54 -0.86 -16.25 1.29
CA LEU B 54 0.08 -16.86 2.18
C LEU B 54 0.59 -15.88 3.21
N PHE B 55 1.12 -14.74 2.76
CA PHE B 55 1.44 -13.67 3.67
C PHE B 55 0.27 -13.14 4.48
N TYR B 56 -0.93 -13.11 3.90
CA TYR B 56 -2.06 -12.70 4.66
C TYR B 56 -2.19 -13.64 5.85
N SER B 57 -2.18 -15.00 5.65
CA SER B 57 -2.29 -16.06 6.72
C SER B 57 -1.09 -15.99 7.67
N ILE B 58 0.11 -15.80 7.16
CA ILE B 58 1.23 -15.67 8.05
C ILE B 58 1.11 -14.47 8.99
N PHE B 59 0.85 -13.28 8.52
CA PHE B 59 0.94 -12.19 9.43
C PHE B 59 -0.34 -11.94 10.13
N THR B 60 -1.25 -12.84 10.00
CA THR B 60 -2.53 -12.73 10.61
C THR B 60 -2.47 -13.82 11.75
N ASP B 61 -1.32 -14.49 11.82
CA ASP B 61 -1.11 -15.51 12.80
C ASP B 61 -0.52 -14.83 14.02
N GLN B 62 -1.27 -14.93 15.14
CA GLN B 62 -0.99 -14.30 16.44
C GLN B 62 0.40 -14.61 16.94
N LEU B 63 0.77 -15.87 16.78
CA LEU B 63 2.14 -16.33 16.95
C LEU B 63 3.12 -15.54 16.01
N LYS B 64 3.03 -15.69 14.69
CA LYS B 64 4.09 -15.26 13.78
C LYS B 64 4.01 -13.76 13.47
N ARG B 65 2.96 -13.10 13.96
CA ARG B 65 2.73 -11.70 13.65
C ARG B 65 3.91 -10.75 13.89
N ASN B 66 4.65 -10.98 14.96
CA ASN B 66 5.70 -10.06 15.40
C ASN B 66 7.14 -10.45 15.04
N LEU B 67 7.30 -11.43 14.16
CA LEU B 67 8.67 -11.79 13.75
C LEU B 67 9.18 -10.71 12.77
N SER B 68 10.45 -10.38 12.84
CA SER B 68 11.10 -9.58 11.82
C SER B 68 11.69 -10.39 10.63
N VAL B 69 11.72 -11.71 10.73
CA VAL B 69 12.31 -12.58 9.77
C VAL B 69 11.35 -13.73 9.59
N ILE B 70 11.08 -14.02 8.33
CA ILE B 70 10.12 -15.07 7.92
C ILE B 70 10.83 -15.95 6.93
N ASN B 71 10.92 -17.19 7.35
CA ASN B 71 11.29 -18.29 6.48
C ASN B 71 10.09 -18.74 5.72
N LEU B 72 10.30 -18.79 4.43
CA LEU B 72 9.43 -19.57 3.54
C LEU B 72 10.06 -20.93 3.26
N ASP B 73 9.22 -21.82 2.75
CA ASP B 73 9.71 -23.06 2.18
C ASP B 73 11.06 -22.86 1.43
N PRO B 74 12.13 -23.57 1.88
CA PRO B 74 13.44 -23.34 1.35
C PRO B 74 13.71 -24.03 0.04
N GLU B 75 12.73 -24.76 -0.47
CA GLU B 75 12.71 -25.25 -1.85
C GLU B 75 12.19 -24.23 -2.88
N ILE B 76 11.63 -23.10 -2.42
CA ILE B 76 11.13 -22.07 -3.35
C ILE B 76 12.37 -21.56 -4.09
N ASN B 77 12.34 -21.34 -5.41
CA ASN B 77 13.53 -20.68 -5.88
C ASN B 77 13.42 -19.19 -5.68
N PRO B 78 14.57 -18.58 -5.37
CA PRO B 78 14.65 -17.18 -5.01
C PRO B 78 14.47 -16.20 -6.18
N GLU B 79 14.76 -16.64 -7.39
CA GLU B 79 14.56 -15.82 -8.58
C GLU B 79 13.06 -15.64 -8.80
N GLY B 80 12.34 -16.76 -8.83
CA GLY B 80 10.89 -16.74 -8.91
C GLY B 80 10.23 -15.87 -7.83
N PHE B 81 10.71 -15.92 -6.61
CA PHE B 81 10.27 -15.08 -5.55
C PHE B 81 10.66 -13.61 -5.83
N ASN B 82 11.84 -13.34 -6.31
CA ASN B 82 12.25 -12.01 -6.58
C ASN B 82 11.38 -11.29 -7.65
N ILE B 83 11.06 -12.01 -8.72
CA ILE B 83 10.17 -11.57 -9.76
C ILE B 83 8.80 -11.21 -9.21
N LEU B 84 8.29 -12.08 -8.31
CA LEU B 84 7.02 -11.89 -7.70
C LEU B 84 7.00 -10.72 -6.66
N LEU B 85 8.04 -10.54 -5.89
CA LEU B 85 8.16 -9.38 -5.09
C LEU B 85 8.24 -8.07 -5.92
N ASP B 86 9.06 -7.97 -6.97
CA ASP B 86 9.00 -6.78 -7.80
C ASP B 86 7.57 -6.59 -8.39
N PHE B 87 6.87 -7.64 -8.77
CA PHE B 87 5.53 -7.46 -9.32
C PHE B 87 4.60 -6.82 -8.27
N MET B 88 4.68 -7.33 -7.04
CA MET B 88 3.83 -6.79 -6.00
C MET B 88 3.88 -5.29 -5.89
N TYR B 89 5.06 -4.75 -6.09
CA TYR B 89 5.34 -3.39 -5.88
C TYR B 89 5.23 -2.53 -7.16
N THR B 90 5.26 -3.12 -8.35
CA THR B 90 5.29 -2.35 -9.59
C THR B 90 4.15 -2.65 -10.55
N SER B 91 3.41 -3.74 -10.27
CA SER B 91 2.33 -4.26 -11.16
C SER B 91 2.86 -4.87 -12.50
N ARG B 92 4.19 -5.10 -12.54
CA ARG B 92 4.88 -5.50 -13.76
C ARG B 92 5.42 -6.86 -13.50
N LEU B 93 5.11 -7.81 -14.37
CA LEU B 93 5.52 -9.22 -14.19
C LEU B 93 6.50 -9.62 -15.28
N ASN B 94 7.75 -9.78 -14.94
CA ASN B 94 8.71 -10.27 -15.89
C ASN B 94 8.59 -11.79 -16.25
N LEU B 95 7.60 -12.18 -17.05
CA LEU B 95 7.37 -13.53 -17.53
C LEU B 95 8.04 -13.93 -18.90
N ARG B 96 8.69 -15.08 -18.92
CA ARG B 96 9.41 -15.61 -20.08
C ARG B 96 9.32 -17.11 -20.06
N GLU B 97 9.57 -17.74 -21.20
CA GLU B 97 9.53 -19.20 -21.30
C GLU B 97 10.71 -19.79 -20.54
N GLY B 98 11.55 -18.92 -20.00
CA GLY B 98 12.71 -19.34 -19.24
C GLY B 98 12.47 -19.33 -17.75
N ASN B 99 11.43 -18.64 -17.32
CA ASN B 99 11.09 -18.57 -15.86
C ASN B 99 9.65 -18.86 -15.52
N ILE B 100 8.87 -19.09 -16.53
CA ILE B 100 7.47 -19.24 -16.38
C ILE B 100 7.07 -20.35 -15.41
N MET B 101 7.77 -21.51 -15.49
CA MET B 101 7.42 -22.62 -14.58
C MET B 101 7.77 -22.28 -13.15
N ALA B 102 8.93 -21.68 -12.95
CA ALA B 102 9.37 -21.25 -11.61
C ALA B 102 8.43 -20.18 -11.03
N VAL B 103 8.10 -19.16 -11.81
CA VAL B 103 7.30 -18.05 -11.31
C VAL B 103 5.91 -18.55 -11.02
N MET B 104 5.33 -19.37 -11.89
CA MET B 104 4.01 -19.92 -11.64
C MET B 104 3.93 -20.77 -10.41
N ALA B 105 4.94 -21.58 -10.18
CA ALA B 105 4.91 -22.48 -8.99
C ALA B 105 5.02 -21.63 -7.70
N THR B 106 5.90 -20.62 -7.75
CA THR B 106 6.05 -19.71 -6.61
C THR B 106 4.76 -18.92 -6.38
N ALA B 107 4.11 -18.43 -7.43
CA ALA B 107 2.79 -17.74 -7.28
C ALA B 107 1.75 -18.64 -6.72
N MET B 108 1.73 -19.92 -7.11
CA MET B 108 0.79 -20.87 -6.43
C MET B 108 1.10 -21.02 -4.92
N TYR B 109 2.34 -21.30 -4.59
CA TYR B 109 2.70 -21.27 -3.20
C TYR B 109 2.31 -19.95 -2.43
N LEU B 110 2.59 -18.80 -3.03
CA LEU B 110 2.25 -17.50 -2.44
C LEU B 110 0.80 -17.25 -2.50
N GLN B 111 0.04 -18.04 -3.23
CA GLN B 111 -1.41 -17.76 -3.40
C GLN B 111 -1.71 -16.36 -4.01
N MET B 112 -1.14 -16.14 -5.18
CA MET B 112 -1.34 -14.95 -5.95
C MET B 112 -2.10 -15.42 -7.20
N GLU B 113 -3.39 -15.55 -7.03
CA GLU B 113 -4.33 -16.10 -8.04
C GLU B 113 -4.41 -15.38 -9.41
N HIS B 114 -4.36 -14.05 -9.46
CA HIS B 114 -4.32 -13.29 -10.73
C HIS B 114 -3.09 -13.63 -11.53
N VAL B 115 -1.91 -13.70 -10.88
CA VAL B 115 -0.61 -14.07 -11.47
C VAL B 115 -0.62 -15.51 -11.99
N VAL B 116 -1.17 -16.46 -11.24
CA VAL B 116 -1.26 -17.84 -11.66
C VAL B 116 -2.20 -17.87 -12.90
N ASP B 117 -3.27 -17.08 -12.91
CA ASP B 117 -4.15 -17.06 -14.06
C ASP B 117 -3.47 -16.53 -15.31
N THR B 118 -2.72 -15.46 -15.21
CA THR B 118 -1.99 -14.92 -16.35
C THR B 118 -0.89 -15.93 -16.84
N CYS B 119 -0.36 -16.68 -15.90
CA CYS B 119 0.66 -17.67 -16.21
C CYS B 119 -0.01 -18.75 -17.00
N ARG B 120 -1.24 -19.11 -16.68
CA ARG B 120 -1.95 -20.07 -17.52
C ARG B 120 -2.23 -19.50 -18.93
N LYS B 121 -2.62 -18.22 -19.03
CA LYS B 121 -2.72 -17.53 -20.37
C LYS B 121 -1.44 -17.61 -21.20
N PHE B 122 -0.32 -17.34 -20.53
CA PHE B 122 0.99 -17.36 -21.17
C PHE B 122 1.36 -18.75 -21.69
N ILE B 123 1.13 -19.78 -20.91
CA ILE B 123 1.34 -21.15 -21.35
C ILE B 123 0.44 -21.41 -22.51
N LYS B 124 -0.85 -21.08 -22.45
CA LYS B 124 -1.69 -21.38 -23.53
C LYS B 124 -1.39 -20.55 -24.83
N ALA B 125 -0.77 -19.36 -24.69
CA ALA B 125 -0.50 -18.55 -25.87
C ALA B 125 0.73 -19.03 -26.63
N SER B 126 1.71 -19.58 -25.91
CA SER B 126 2.98 -19.98 -26.51
C SER B 126 3.23 -21.52 -26.59
CAA Z88 C . 1.73 -4.26 -24.74
OAB Z88 C . -0.64 -4.36 -24.66
OAC Z88 C . 1.01 -6.17 -20.84
OAD Z88 C . 2.67 -4.93 -21.89
BRAE Z88 C . 3.93 -11.54 -23.79
CAF Z88 C . 4.22 -8.68 -23.04
CAG Z88 C . 1.96 -9.57 -23.17
CAH Z88 C . 3.69 -7.45 -22.67
CAI Z88 C . 1.42 -8.34 -22.78
NAJ Z88 C . 0.45 -5.39 -22.98
CAK Z88 C . 0.42 -4.67 -24.13
CAL Z88 C . 3.34 -9.75 -23.29
CAM Z88 C . 2.29 -7.28 -22.55
SAN Z88 C . 1.63 -5.88 -22.09
C Z89 D . -9.66 -15.69 4.11
N Z89 D . -9.20 -14.12 2.42
O Z89 D . -8.39 -15.71 4.19
CA Z89 D . -10.30 -14.51 3.37
CB Z89 D . -10.71 -13.49 4.45
CG Z89 D . -11.94 -13.97 5.22
CAA Z89 D . -5.65 -9.79 1.60
CAB Z89 D . -6.65 -10.62 2.09
CAC Z89 D . -7.50 -10.22 3.14
CAD Z89 D . -7.35 -8.97 3.74
BRAE Z89 D . -8.45 -8.35 5.19
CAF Z89 D . -6.34 -8.15 3.24
CAG Z89 D . -5.52 -8.56 2.21
CAH Z89 D . -6.59 -11.76 1.31
CAI Z89 D . -5.56 -11.58 0.40
NAJ Z89 D . -4.98 -10.38 0.57
OAK Z89 D . -5.19 -12.41 -0.49
CAL Z89 D . -7.42 -12.91 1.44
CAM Z89 D . -8.47 -12.98 2.43
CAW Z89 D . -8.67 -14.91 1.44
SAX Z89 D . -9.43 -16.51 1.20
SAY Z89 D . -7.32 -14.35 0.43
OAZ Z89 D . -8.76 -12.04 3.28
OD1 Z89 D . -11.87 -14.28 6.45
OD2 Z89 D . -13.03 -14.08 4.60
OXT Z89 D . -10.34 -16.63 4.60
C Z89 E . 11.20 15.24 -0.59
N Z89 E . 9.37 14.06 -1.56
O Z89 E . 10.59 15.03 0.50
CA Z89 E . 10.83 14.40 -1.81
CB Z89 E . 11.80 13.19 -1.92
CG Z89 E . 13.30 13.56 -2.04
CAA Z89 E . 5.94 9.72 -0.56
CAB Z89 E . 7.05 10.52 -0.84
CAC Z89 E . 8.34 10.00 -1.03
CAD Z89 E . 8.54 8.64 -0.94
BRAE Z89 E . 10.25 7.88 -1.18
CAF Z89 E . 7.45 7.84 -0.68
CAG Z89 E . 6.18 8.37 -0.48
CAH Z89 E . 6.57 11.79 -0.87
CAI Z89 E . 5.20 11.72 -0.61
NAJ Z89 E . 4.81 10.47 -0.43
OAK Z89 E . 4.37 12.67 -0.55
CAL Z89 E . 7.37 12.89 -1.10
CAM Z89 E . 8.78 12.87 -1.34
CAW Z89 E . 8.35 14.96 -1.45
SAX Z89 E . 8.65 16.68 -1.68
SAY Z89 E . 6.69 14.47 -1.13
OAZ Z89 E . 9.51 11.80 -1.38
OD1 Z89 E . 14.12 13.17 -1.16
OD2 Z89 E . 13.69 14.24 -3.03
OXT Z89 E . 12.08 16.16 -0.69
CAA Z88 F . -3.32 -10.98 -17.68
OAB Z88 F . -2.20 -8.96 -17.11
OAC Z88 F . -3.25 -8.70 -21.34
OAD Z88 F . -4.67 -10.28 -20.32
BRAE Z88 F . 0.41 -14.01 -23.21
CAF Z88 F . -2.22 -12.97 -22.46
CAG Z88 F . -0.24 -11.74 -21.69
CAH Z88 F . -3.01 -12.03 -21.82
CAI Z88 F . -1.05 -10.80 -21.08
NAJ Z88 F . -2.71 -9.17 -19.20
CAK Z88 F . -2.71 -9.65 -17.96
CAL Z88 F . -0.81 -12.81 -22.37
CAM Z88 F . -2.41 -10.95 -21.13
SAN Z88 F . -3.31 -9.82 -20.45
C Z89 G . 7.30 -20.85 10.70
N Z89 G . 7.19 -20.47 8.38
O Z89 G . 6.54 -20.42 11.64
CA Z89 G . 7.62 -19.81 9.62
CB Z89 G . 8.96 -19.12 9.41
CG Z89 G . 9.56 -18.47 10.59
CAA Z89 G . 7.32 -24.62 4.18
CAB Z89 G . 7.74 -23.93 5.34
CAC Z89 G . 8.83 -24.37 6.08
CAD Z89 G . 9.50 -25.55 5.66
BRAE Z89 G . 11.03 -26.13 6.67
CAF Z89 G . 9.11 -26.23 4.49
CAG Z89 G . 8.01 -25.76 3.75
CAH Z89 G . 6.88 -22.84 5.50
CAI Z89 G . 5.96 -22.92 4.42
NAJ Z89 G . 6.23 -23.97 3.63
OAK Z89 G . 4.98 -22.12 4.19
CAL Z89 G . 6.83 -21.83 6.53
CAM Z89 G . 7.62 -21.59 7.69
CAW Z89 G . 6.14 -19.90 7.81
SAX Z89 G . 5.44 -18.45 8.56
SAY Z89 G . 5.55 -20.65 6.37
OAZ Z89 G . 8.66 -22.28 8.10
OD1 Z89 G . 9.04 -18.56 11.72
OD2 Z89 G . 10.63 -17.93 10.35
OXT Z89 G . 7.72 -22.07 10.60
#